data_3HYO
#
_entry.id   3HYO
#
_cell.length_a   64.594
_cell.length_b   69.761
_cell.length_c   132.924
_cell.angle_alpha   90.00
_cell.angle_beta   90.00
_cell.angle_gamma   90.00
#
_symmetry.space_group_name_H-M   'C 2 2 21'
#
loop_
_entity.id
_entity.type
_entity.pdbx_description
1 polymer 'Pyridoxal kinase'
2 non-polymer "ADENOSINE-5'-DIPHOSPHATE"
3 non-polymer 'MAGNESIUM ION'
4 water water
#
_entity_poly.entity_id   1
_entity_poly.type   'polypeptide(L)'
_entity_poly.pdbx_seq_one_letter_code
;(MSE)SLST(MSE)LVAEDLSAVGGISLSSALPVLTA(MSE)QYDVAALPTSLLSTHTSGYGTPAVVDLSTWLPQVFAHW
TRAQLHFDQALIGYVGSVALCQQITTYLEQQTLSLLVVDPVLGDLGQLYQGFDQDYVAA(MSE)RQLIQQADVILPNTTE
AALLTGAPYQVTPDLEVILPALQAQLKTGAHAVITDVQRADQIGCAWLDEAGHVQYCGARRLPGHYNGTGDTLAAVIAGL
LGRGYPLAPTLARANQWLN(MSE)AVAETIAQNRTDDRQGVALGDLLQAILALNEGHHHHHH
;
_entity_poly.pdbx_strand_id   A
#
loop_
_chem_comp.id
_chem_comp.type
_chem_comp.name
_chem_comp.formula
ADP non-polymer ADENOSINE-5'-DIPHOSPHATE 'C10 H15 N5 O10 P2'
MG non-polymer 'MAGNESIUM ION' 'Mg 2'
#
# COMPACT_ATOMS: atom_id res chain seq x y z
N LEU A 3 4.90 -21.98 -6.72
CA LEU A 3 4.35 -20.63 -6.62
C LEU A 3 5.11 -19.80 -5.58
N SER A 4 5.47 -18.58 -5.96
CA SER A 4 6.20 -17.68 -5.06
C SER A 4 5.34 -17.30 -3.86
N THR A 5 5.99 -16.91 -2.77
CA THR A 5 5.29 -16.52 -1.55
C THR A 5 5.39 -15.02 -1.33
N MSE A 6 4.26 -14.42 -0.97
CA MSE A 6 4.12 -12.97 -0.75
C MSE A 6 3.58 -12.78 0.68
O MSE A 6 2.45 -13.17 0.98
CB MSE A 6 3.11 -12.41 -1.78
CG MSE A 6 2.70 -10.94 -1.62
SE MSE A 6 4.12 -9.70 -2.04
CE MSE A 6 4.13 -9.83 -4.01
N LEU A 7 4.40 -12.16 1.52
CA LEU A 7 3.99 -11.78 2.86
C LEU A 7 3.23 -10.47 2.69
N VAL A 8 2.03 -10.42 3.25
CA VAL A 8 1.28 -9.17 3.29
C VAL A 8 0.92 -8.89 4.74
N ALA A 9 1.45 -7.78 5.25
CA ALA A 9 1.20 -7.37 6.63
C ALA A 9 0.44 -6.06 6.66
N GLU A 10 -0.80 -6.12 7.14
CA GLU A 10 -1.63 -4.92 7.27
C GLU A 10 -2.87 -5.24 8.10
N ASP A 11 -3.71 -4.24 8.38
CA ASP A 11 -4.88 -4.52 9.21
C ASP A 11 -5.89 -5.45 8.56
N LEU A 12 -6.62 -6.19 9.38
CA LEU A 12 -7.75 -6.98 8.87
C LEU A 12 -9.02 -6.50 9.56
N SER A 13 -9.96 -5.96 8.80
CA SER A 13 -11.31 -5.69 9.34
C SER A 13 -12.27 -6.74 8.82
N ALA A 14 -13.00 -7.37 9.73
CA ALA A 14 -13.86 -8.49 9.39
C ALA A 14 -14.89 -8.03 8.34
N VAL A 15 -15.50 -6.87 8.62
CA VAL A 15 -16.41 -6.22 7.70
C VAL A 15 -15.78 -4.94 7.11
N GLY A 16 -15.90 -4.74 5.80
CA GLY A 16 -15.38 -3.53 5.17
C GLY A 16 -14.85 -3.73 3.75
N GLY A 17 -14.32 -4.93 3.49
CA GLY A 17 -13.81 -5.31 2.16
C GLY A 17 -12.59 -4.49 1.73
N ILE A 18 -11.73 -4.14 2.68
CA ILE A 18 -10.53 -3.34 2.40
C ILE A 18 -9.32 -3.98 3.11
N SER A 19 -8.14 -3.42 2.91
CA SER A 19 -6.93 -3.96 3.55
C SER A 19 -6.68 -5.44 3.24
N LEU A 20 -6.35 -6.22 4.27
CA LEU A 20 -5.99 -7.62 4.06
C LEU A 20 -7.11 -8.47 3.41
N SER A 21 -8.37 -8.17 3.74
CA SER A 21 -9.51 -8.86 3.12
C SER A 21 -9.57 -8.69 1.58
N SER A 22 -9.14 -7.53 1.06
CA SER A 22 -9.11 -7.35 -0.40
C SER A 22 -7.75 -7.80 -0.98
N ALA A 23 -6.66 -7.71 -0.19
CA ALA A 23 -5.35 -8.16 -0.71
C ALA A 23 -5.32 -9.66 -0.97
N LEU A 24 -5.95 -10.42 -0.08
CA LEU A 24 -5.88 -11.89 -0.18
C LEU A 24 -6.43 -12.40 -1.52
N PRO A 25 -7.68 -11.99 -1.90
CA PRO A 25 -8.18 -12.47 -3.21
C PRO A 25 -7.33 -11.99 -4.40
N VAL A 26 -6.94 -10.71 -4.39
CA VAL A 26 -6.13 -10.16 -5.49
C VAL A 26 -4.80 -10.92 -5.68
N LEU A 27 -4.04 -11.01 -4.59
CA LEU A 27 -2.69 -11.61 -4.69
C LEU A 27 -2.75 -13.10 -4.92
N THR A 28 -3.77 -13.76 -4.36
CA THR A 28 -3.95 -15.20 -4.66
C THR A 28 -4.24 -15.39 -6.16
N ALA A 29 -5.17 -14.60 -6.70
CA ALA A 29 -5.47 -14.64 -8.14
C ALA A 29 -4.22 -14.37 -8.99
N MSE A 30 -3.32 -13.53 -8.48
CA MSE A 30 -2.10 -13.20 -9.22
C MSE A 30 -1.01 -14.26 -9.06
O MSE A 30 0.15 -13.99 -9.35
CB MSE A 30 -1.57 -11.82 -8.83
CG MSE A 30 -2.55 -10.70 -9.19
SE MSE A 30 -1.84 -8.95 -8.76
CE MSE A 30 -0.56 -8.89 -10.22
N GLN A 31 -1.39 -15.44 -8.57
CA GLN A 31 -0.50 -16.61 -8.53
C GLN A 31 0.58 -16.54 -7.44
N TYR A 32 0.25 -15.89 -6.32
CA TYR A 32 1.09 -15.99 -5.14
C TYR A 32 0.46 -16.88 -4.06
N ASP A 33 1.33 -17.53 -3.28
CA ASP A 33 0.90 -18.10 -2.00
C ASP A 33 1.04 -17.01 -0.98
N VAL A 34 -0.07 -16.52 -0.44
CA VAL A 34 -0.04 -15.32 0.41
C VAL A 34 0.09 -15.72 1.87
N ALA A 35 1.05 -15.10 2.56
CA ALA A 35 1.10 -15.20 4.01
C ALA A 35 0.40 -13.96 4.51
N ALA A 36 -0.81 -14.15 5.03
CA ALA A 36 -1.69 -13.01 5.37
C ALA A 36 -1.59 -12.67 6.86
N LEU A 37 -0.83 -11.63 7.19
CA LEU A 37 -0.52 -11.31 8.59
C LEU A 37 -1.22 -10.05 9.05
N PRO A 38 -2.27 -10.19 9.89
CA PRO A 38 -2.94 -9.00 10.39
C PRO A 38 -2.02 -8.26 11.34
N THR A 39 -1.96 -6.94 11.20
CA THR A 39 -1.24 -6.10 12.16
C THR A 39 -2.16 -5.56 13.25
N SER A 40 -3.47 -5.65 12.98
CA SER A 40 -4.56 -5.25 13.87
C SER A 40 -5.75 -6.04 13.35
N LEU A 41 -6.67 -6.36 14.25
CA LEU A 41 -7.86 -7.07 13.89
C LEU A 41 -9.05 -6.25 14.36
N LEU A 42 -9.96 -5.90 13.44
CA LEU A 42 -11.09 -5.02 13.77
C LEU A 42 -12.40 -5.66 13.38
N SER A 43 -13.46 -5.36 14.14
CA SER A 43 -14.81 -5.82 13.75
C SER A 43 -15.28 -5.24 12.39
N THR A 44 -14.95 -3.96 12.15
CA THR A 44 -15.27 -3.26 10.91
C THR A 44 -14.13 -2.26 10.70
N HIS A 45 -13.98 -1.70 9.50
CA HIS A 45 -13.02 -0.62 9.38
C HIS A 45 -13.54 0.64 10.13
N THR A 46 -12.69 1.66 10.20
CA THR A 46 -12.89 2.79 11.08
C THR A 46 -13.76 3.92 10.46
N SER A 47 -14.26 3.74 9.24
CA SER A 47 -15.06 4.83 8.61
C SER A 47 -16.54 4.52 8.38
N GLY A 48 -17.38 4.80 9.38
CA GLY A 48 -18.83 4.80 9.16
C GLY A 48 -19.66 3.75 9.87
N TYR A 49 -19.03 2.85 10.62
CA TYR A 49 -19.79 1.88 11.37
C TYR A 49 -19.86 2.18 12.86
N GLY A 50 -19.31 3.32 13.27
CA GLY A 50 -19.16 3.60 14.70
C GLY A 50 -17.89 2.93 15.21
N THR A 51 -17.60 3.08 16.50
CA THR A 51 -16.33 2.63 17.09
C THR A 51 -16.16 1.11 16.95
N PRO A 52 -15.12 0.66 16.21
CA PRO A 52 -14.97 -0.80 16.06
C PRO A 52 -14.36 -1.49 17.30
N ALA A 53 -14.54 -2.80 17.37
CA ALA A 53 -13.94 -3.65 18.41
C ALA A 53 -12.62 -4.14 17.86
N VAL A 54 -11.52 -3.84 18.56
CA VAL A 54 -10.20 -4.07 17.98
C VAL A 54 -9.33 -4.96 18.88
N VAL A 55 -8.57 -5.87 18.27
CA VAL A 55 -7.57 -6.68 19.03
C VAL A 55 -6.21 -6.04 18.84
N ASP A 56 -5.51 -5.78 19.94
CA ASP A 56 -4.14 -5.30 19.91
C ASP A 56 -3.20 -6.49 19.71
N LEU A 57 -2.48 -6.49 18.59
CA LEU A 57 -1.63 -7.63 18.24
C LEU A 57 -0.14 -7.32 18.50
N SER A 58 0.11 -6.30 19.32
CA SER A 58 1.50 -5.83 19.53
C SER A 58 2.37 -6.89 20.20
N THR A 59 1.75 -7.70 21.07
CA THR A 59 2.45 -8.82 21.72
C THR A 59 2.38 -10.12 20.91
N TRP A 60 1.54 -10.17 19.87
CA TRP A 60 1.47 -11.39 19.06
C TRP A 60 2.50 -11.42 17.93
N LEU A 61 2.67 -10.30 17.22
CA LEU A 61 3.56 -10.27 16.09
C LEU A 61 4.98 -10.71 16.42
N PRO A 62 5.53 -10.27 17.57
CA PRO A 62 6.88 -10.76 17.93
C PRO A 62 6.95 -12.28 18.00
N GLN A 63 5.90 -12.91 18.50
CA GLN A 63 5.82 -14.33 18.61
C GLN A 63 5.71 -14.98 17.22
N VAL A 64 4.93 -14.35 16.37
CA VAL A 64 4.81 -14.78 14.98
C VAL A 64 6.19 -14.82 14.27
N PHE A 65 6.91 -13.70 14.30
CA PHE A 65 8.23 -13.61 13.66
C PHE A 65 9.20 -14.64 14.26
N ALA A 66 9.18 -14.73 15.59
CA ALA A 66 10.03 -15.72 16.25
C ALA A 66 9.73 -17.14 15.80
N HIS A 67 8.44 -17.46 15.64
CA HIS A 67 8.02 -18.79 15.19
C HIS A 67 8.46 -19.04 13.77
N TRP A 68 8.12 -18.12 12.87
CA TRP A 68 8.54 -18.30 11.47
C TRP A 68 10.07 -18.49 11.39
N THR A 69 10.80 -17.70 12.16
CA THR A 69 12.25 -17.85 12.19
C THR A 69 12.68 -19.28 12.58
N ARG A 70 12.12 -19.78 13.67
CA ARG A 70 12.51 -21.12 14.12
C ARG A 70 12.07 -22.24 13.18
N ALA A 71 10.96 -22.00 12.46
CA ALA A 71 10.42 -22.94 11.51
C ALA A 71 11.16 -22.84 10.17
N GLN A 72 12.06 -21.87 10.07
CA GLN A 72 12.91 -21.66 8.90
C GLN A 72 12.08 -21.29 7.66
N LEU A 73 11.07 -20.45 7.87
CA LEU A 73 10.29 -19.94 6.76
C LEU A 73 11.06 -18.77 6.14
N HIS A 74 11.00 -18.66 4.83
CA HIS A 74 11.59 -17.54 4.11
C HIS A 74 10.55 -17.03 3.14
N PHE A 75 10.55 -15.71 2.96
CA PHE A 75 9.62 -15.07 2.04
C PHE A 75 10.33 -14.47 0.81
N ASP A 76 9.70 -14.62 -0.36
CA ASP A 76 10.23 -14.06 -1.61
C ASP A 76 10.06 -12.52 -1.63
N GLN A 77 8.83 -12.12 -1.36
CA GLN A 77 8.40 -10.76 -1.53
C GLN A 77 7.56 -10.40 -0.31
N ALA A 78 7.48 -9.12 -0.03
CA ALA A 78 6.63 -8.58 1.03
C ALA A 78 5.97 -7.27 0.64
N LEU A 79 4.71 -7.13 1.05
CA LEU A 79 3.96 -5.88 1.01
C LEU A 79 3.56 -5.50 2.42
N ILE A 80 3.97 -4.33 2.87
CA ILE A 80 3.57 -3.84 4.19
C ILE A 80 2.60 -2.67 4.02
N GLY A 81 1.40 -2.82 4.57
CA GLY A 81 0.42 -1.72 4.58
C GLY A 81 0.32 -1.09 5.95
N TYR A 82 -0.88 -0.69 6.32
CA TYR A 82 -1.09 -0.03 7.62
C TYR A 82 -0.56 -0.88 8.79
N VAL A 83 0.30 -0.31 9.65
CA VAL A 83 0.89 -1.07 10.78
C VAL A 83 0.18 -0.65 12.05
N GLY A 84 0.36 0.62 12.41
CA GLY A 84 -0.45 1.24 13.43
C GLY A 84 0.21 1.55 14.74
N SER A 85 1.41 1.04 14.98
CA SER A 85 2.13 1.42 16.21
C SER A 85 3.60 1.44 15.99
N VAL A 86 4.31 2.22 16.80
CA VAL A 86 5.76 2.34 16.72
C VAL A 86 6.41 0.96 16.97
N ALA A 87 5.96 0.27 18.01
CA ALA A 87 6.56 -1.01 18.37
C ALA A 87 6.41 -1.99 17.22
N LEU A 88 5.22 -2.07 16.64
CA LEU A 88 5.05 -3.01 15.53
C LEU A 88 5.87 -2.65 14.29
N CYS A 89 6.02 -1.35 14.02
CA CYS A 89 6.88 -0.90 12.92
C CYS A 89 8.30 -1.42 13.11
N GLN A 90 8.81 -1.23 14.32
CA GLN A 90 10.17 -1.63 14.67
C GLN A 90 10.33 -3.14 14.57
N GLN A 91 9.35 -3.89 15.07
CA GLN A 91 9.37 -5.35 14.96
C GLN A 91 9.40 -5.82 13.51
N ILE A 92 8.54 -5.24 12.69
CA ILE A 92 8.51 -5.58 11.26
C ILE A 92 9.82 -5.23 10.57
N THR A 93 10.36 -4.06 10.89
CA THR A 93 11.60 -3.59 10.24
C THR A 93 12.72 -4.62 10.48
N THR A 94 12.92 -5.01 11.73
CA THR A 94 14.00 -5.97 12.01
C THR A 94 13.76 -7.37 11.45
N TYR A 95 12.50 -7.83 11.42
CA TYR A 95 12.22 -9.13 10.82
C TYR A 95 12.58 -9.11 9.35
N LEU A 96 12.13 -8.08 8.65
CA LEU A 96 12.40 -7.98 7.21
C LEU A 96 13.91 -7.94 6.91
N GLU A 97 14.67 -7.24 7.75
CA GLU A 97 16.14 -7.22 7.62
C GLU A 97 16.78 -8.61 7.66
N GLN A 98 16.20 -9.52 8.44
CA GLN A 98 16.64 -10.93 8.50
C GLN A 98 16.38 -11.69 7.20
N GLN A 99 15.42 -11.20 6.41
CA GLN A 99 15.08 -11.87 5.16
C GLN A 99 15.99 -11.40 4.03
N THR A 100 16.02 -12.19 2.96
CA THR A 100 16.67 -11.77 1.74
C THR A 100 15.40 -11.65 0.93
N LEU A 101 14.90 -10.43 0.77
CA LEU A 101 13.70 -10.22 -0.05
C LEU A 101 14.06 -9.76 -1.46
N SER A 102 13.45 -10.37 -2.47
CA SER A 102 13.62 -9.85 -3.82
C SER A 102 12.77 -8.61 -4.07
N LEU A 103 11.75 -8.40 -3.24
CA LEU A 103 10.82 -7.27 -3.42
C LEU A 103 10.25 -6.88 -2.07
N LEU A 104 10.35 -5.61 -1.74
CA LEU A 104 9.68 -5.03 -0.57
C LEU A 104 8.92 -3.79 -0.99
N VAL A 105 7.61 -3.83 -0.85
CA VAL A 105 6.78 -2.63 -1.14
C VAL A 105 6.18 -2.17 0.18
N VAL A 106 6.36 -0.90 0.50
CA VAL A 106 5.75 -0.31 1.67
C VAL A 106 4.75 0.78 1.30
N ASP A 107 3.53 0.64 1.80
CA ASP A 107 2.56 1.73 1.71
C ASP A 107 2.59 2.49 3.03
N PRO A 108 3.20 3.68 3.04
CA PRO A 108 3.52 4.34 4.30
C PRO A 108 2.33 5.09 4.84
N VAL A 109 1.33 4.34 5.30
CA VAL A 109 0.06 4.93 5.73
C VAL A 109 0.24 5.81 7.00
N LEU A 110 -0.04 7.10 6.85
CA LEU A 110 0.23 8.11 7.90
C LEU A 110 -0.82 9.23 7.98
N GLY A 111 -1.46 9.54 6.87
CA GLY A 111 -2.35 10.70 6.83
C GLY A 111 -2.93 11.02 5.47
N ASP A 112 -3.77 12.05 5.44
CA ASP A 112 -4.41 12.49 4.21
C ASP A 112 -4.98 13.91 4.43
N LEU A 113 -5.35 14.58 3.34
CA LEU A 113 -5.91 15.94 3.41
C LEU A 113 -5.09 16.89 4.29
N GLY A 114 -3.77 16.67 4.31
CA GLY A 114 -2.85 17.54 5.01
C GLY A 114 -2.56 17.28 6.49
N GLN A 115 -3.15 16.25 7.06
CA GLN A 115 -2.94 15.97 8.49
C GLN A 115 -2.72 14.49 8.79
N LEU A 116 -1.97 14.23 9.86
CA LEU A 116 -1.81 12.88 10.41
C LEU A 116 -3.14 12.28 10.85
N TYR A 117 -3.31 10.98 10.65
CA TYR A 117 -4.47 10.28 11.17
C TYR A 117 -4.45 10.36 12.69
N GLN A 118 -5.62 10.26 13.32
CA GLN A 118 -5.71 10.30 14.80
C GLN A 118 -4.88 9.20 15.46
N GLY A 119 -4.20 9.54 16.55
CA GLY A 119 -3.31 8.61 17.24
C GLY A 119 -1.92 8.50 16.64
N PHE A 120 -1.72 9.14 15.48
CA PHE A 120 -0.39 9.19 14.85
C PHE A 120 0.29 10.51 15.13
N ASP A 121 1.51 10.43 15.62
CA ASP A 121 2.29 11.62 15.88
C ASP A 121 3.69 11.36 15.37
N GLN A 122 4.54 12.36 15.50
CA GLN A 122 5.83 12.37 14.83
C GLN A 122 6.68 11.16 15.22
N ASP A 123 6.41 10.56 16.37
CA ASP A 123 7.02 9.26 16.72
C ASP A 123 6.72 8.19 15.68
N TYR A 124 5.50 8.20 15.14
CA TYR A 124 5.10 7.18 14.17
C TYR A 124 5.75 7.48 12.84
N VAL A 125 5.85 8.78 12.53
CA VAL A 125 6.57 9.25 11.35
C VAL A 125 8.01 8.74 11.35
N ALA A 126 8.71 8.86 12.48
CA ALA A 126 10.09 8.38 12.60
C ALA A 126 10.17 6.87 12.40
N ALA A 127 9.21 6.13 12.95
CA ALA A 127 9.23 4.67 12.81
C ALA A 127 9.02 4.26 11.33
N MSE A 128 8.15 4.99 10.63
CA MSE A 128 7.95 4.80 9.21
C MSE A 128 9.21 5.08 8.36
O MSE A 128 9.54 4.33 7.44
CB MSE A 128 6.77 5.68 8.73
CG MSE A 128 6.31 5.35 7.30
SE MSE A 128 5.82 3.43 7.14
CE MSE A 128 4.68 3.21 8.68
N ARG A 129 9.93 6.16 8.69
CA ARG A 129 11.20 6.46 8.00
C ARG A 129 12.18 5.30 8.12
N GLN A 130 12.20 4.62 9.26
CA GLN A 130 13.03 3.39 9.43
C GLN A 130 12.55 2.18 8.61
N LEU A 131 11.23 1.97 8.62
CA LEU A 131 10.62 0.88 7.83
C LEU A 131 10.88 1.02 6.31
N ILE A 132 10.83 2.24 5.78
CA ILE A 132 10.99 2.43 4.34
C ILE A 132 12.45 2.25 3.86
N GLN A 133 13.40 2.24 4.80
CA GLN A 133 14.82 2.20 4.42
C GLN A 133 15.25 1.05 3.50
N GLN A 134 14.61 -0.11 3.58
CA GLN A 134 14.96 -1.20 2.68
C GLN A 134 13.94 -1.40 1.57
N ALA A 135 12.90 -0.58 1.53
CA ALA A 135 11.83 -0.79 0.53
C ALA A 135 12.38 -0.57 -0.87
N ASP A 136 11.96 -1.42 -1.80
CA ASP A 136 12.19 -1.16 -3.23
C ASP A 136 11.26 -0.08 -3.79
N VAL A 137 10.04 -0.04 -3.26
CA VAL A 137 9.02 0.92 -3.71
C VAL A 137 8.23 1.41 -2.50
N ILE A 138 7.99 2.71 -2.41
CA ILE A 138 7.05 3.23 -1.43
C ILE A 138 5.92 3.95 -2.14
N LEU A 139 4.72 3.93 -1.58
CA LEU A 139 3.58 4.55 -2.23
C LEU A 139 2.87 5.53 -1.33
N PRO A 140 3.52 6.64 -0.99
CA PRO A 140 2.84 7.65 -0.20
C PRO A 140 1.85 8.45 -1.05
N ASN A 141 0.80 8.93 -0.41
CA ASN A 141 0.06 10.04 -0.98
C ASN A 141 0.81 11.35 -0.75
N THR A 142 0.25 12.44 -1.29
CA THR A 142 0.81 13.77 -1.15
C THR A 142 1.00 14.25 0.31
N THR A 143 0.08 13.90 1.20
CA THR A 143 0.27 14.25 2.62
C THR A 143 1.43 13.45 3.23
N GLU A 144 1.48 12.17 2.89
CA GLU A 144 2.48 11.25 3.45
C GLU A 144 3.90 11.58 2.97
N ALA A 145 4.00 11.98 1.70
CA ALA A 145 5.28 12.42 1.12
C ALA A 145 5.86 13.58 1.92
N ALA A 146 5.02 14.59 2.17
CA ALA A 146 5.40 15.77 2.96
C ALA A 146 5.81 15.40 4.39
N LEU A 147 5.03 14.56 5.06
CA LEU A 147 5.41 14.11 6.41
C LEU A 147 6.74 13.39 6.43
N LEU A 148 6.99 12.51 5.48
CA LEU A 148 8.26 11.74 5.45
C LEU A 148 9.48 12.65 5.26
N THR A 149 9.38 13.62 4.36
CA THR A 149 10.50 14.54 4.09
C THR A 149 10.61 15.65 5.13
N GLY A 150 9.54 15.86 5.86
CA GLY A 150 9.47 16.95 6.83
C GLY A 150 9.08 18.30 6.24
N ALA A 151 8.68 18.34 4.97
CA ALA A 151 8.21 19.58 4.35
C ALA A 151 6.79 19.89 4.82
N PRO A 152 6.48 21.20 5.04
CA PRO A 152 5.09 21.59 5.27
C PRO A 152 4.19 21.07 4.17
N TYR A 153 2.99 20.64 4.55
CA TYR A 153 2.02 20.14 3.58
C TYR A 153 1.69 21.18 2.50
N GLN A 154 1.67 20.71 1.25
CA GLN A 154 1.19 21.49 0.11
C GLN A 154 0.20 20.63 -0.67
N VAL A 155 -0.92 21.24 -1.09
CA VAL A 155 -1.92 20.54 -1.90
C VAL A 155 -1.28 20.07 -3.22
N THR A 156 -0.39 20.91 -3.75
CA THR A 156 0.34 20.66 -4.98
C THR A 156 1.82 20.95 -4.69
N PRO A 157 2.55 19.99 -4.08
CA PRO A 157 3.99 20.18 -3.87
C PRO A 157 4.74 20.13 -5.20
N ASP A 158 5.94 20.70 -5.25
CA ASP A 158 6.74 20.64 -6.47
C ASP A 158 7.36 19.25 -6.59
N LEU A 159 6.86 18.46 -7.52
CA LEU A 159 7.34 17.08 -7.69
C LEU A 159 8.82 17.03 -7.99
N GLU A 160 9.35 18.10 -8.58
CA GLU A 160 10.77 18.17 -8.90
C GLU A 160 11.59 18.34 -7.63
N VAL A 161 10.97 18.86 -6.56
CA VAL A 161 11.62 19.03 -5.24
C VAL A 161 11.34 17.84 -4.29
N ILE A 162 10.07 17.44 -4.19
CA ILE A 162 9.66 16.46 -3.18
C ILE A 162 10.10 15.04 -3.55
N LEU A 163 10.09 14.71 -4.83
CA LEU A 163 10.51 13.37 -5.26
C LEU A 163 11.99 13.07 -4.96
N PRO A 164 12.91 13.99 -5.30
CA PRO A 164 14.31 13.80 -4.90
C PRO A 164 14.49 13.74 -3.39
N ALA A 165 13.74 14.56 -2.67
CA ALA A 165 13.80 14.60 -1.21
C ALA A 165 13.41 13.23 -0.61
N LEU A 166 12.39 12.62 -1.18
CA LEU A 166 11.92 11.29 -0.74
C LEU A 166 12.95 10.22 -1.09
N GLN A 167 13.46 10.28 -2.32
CA GLN A 167 14.48 9.32 -2.78
C GLN A 167 15.69 9.29 -1.86
N ALA A 168 15.99 10.44 -1.28
CA ALA A 168 17.15 10.63 -0.42
C ALA A 168 17.10 9.75 0.83
N GLN A 169 15.92 9.21 1.13
CA GLN A 169 15.77 8.27 2.25
C GLN A 169 15.75 6.81 1.85
N LEU A 170 15.62 6.55 0.56
CA LEU A 170 15.54 5.20 0.07
C LEU A 170 16.91 4.74 -0.39
N LYS A 171 17.07 3.43 -0.54
CA LYS A 171 18.30 2.85 -1.09
C LYS A 171 18.46 3.18 -2.58
N THR A 172 19.68 3.03 -3.09
CA THR A 172 19.97 3.23 -4.52
C THR A 172 19.09 2.30 -5.33
N GLY A 173 18.42 2.85 -6.33
CA GLY A 173 17.67 2.03 -7.27
C GLY A 173 16.21 1.83 -6.85
N ALA A 174 15.85 2.23 -5.63
CA ALA A 174 14.46 2.11 -5.13
C ALA A 174 13.63 3.31 -5.63
N HIS A 175 12.31 3.25 -5.50
CA HIS A 175 11.43 4.23 -6.11
C HIS A 175 10.40 4.77 -5.14
N ALA A 176 10.29 6.10 -5.08
CA ALA A 176 9.23 6.79 -4.35
C ALA A 176 8.16 7.09 -5.39
N VAL A 177 6.96 6.57 -5.17
CA VAL A 177 5.85 6.81 -6.11
C VAL A 177 4.75 7.50 -5.34
N ILE A 178 4.43 8.73 -5.74
CA ILE A 178 3.33 9.43 -5.09
C ILE A 178 2.04 9.08 -5.83
N THR A 179 0.98 8.68 -5.11
CA THR A 179 -0.11 7.89 -5.73
C THR A 179 -1.49 8.53 -6.03
N ASP A 180 -1.70 9.73 -5.53
CA ASP A 180 -2.98 10.39 -5.68
C ASP A 180 -2.78 11.78 -6.31
N VAL A 181 -1.86 11.88 -7.26
CA VAL A 181 -1.52 13.17 -7.88
C VAL A 181 -2.59 13.46 -8.93
N GLN A 182 -3.20 14.64 -8.85
CA GLN A 182 -4.22 15.05 -9.83
C GLN A 182 -3.64 15.98 -10.89
N ARG A 183 -3.90 15.66 -12.16
CA ARG A 183 -3.56 16.56 -13.27
C ARG A 183 -4.79 16.73 -14.15
N ALA A 184 -5.38 17.91 -14.11
CA ALA A 184 -6.60 18.21 -14.84
C ALA A 184 -7.69 17.18 -14.47
N ASP A 185 -8.16 16.40 -15.44
CA ASP A 185 -9.25 15.45 -15.11
C ASP A 185 -8.72 14.06 -14.73
N GLN A 186 -7.41 13.96 -14.53
CA GLN A 186 -6.79 12.70 -14.23
C GLN A 186 -6.37 12.54 -12.77
N ILE A 187 -6.29 11.28 -12.35
CA ILE A 187 -5.72 10.96 -11.03
C ILE A 187 -4.72 9.83 -11.27
N GLY A 188 -3.59 9.87 -10.59
CA GLY A 188 -2.59 8.83 -10.85
C GLY A 188 -1.32 8.96 -10.03
N CYS A 189 -0.25 8.36 -10.54
CA CYS A 189 1.03 8.15 -9.86
C CYS A 189 2.12 8.99 -10.50
N ALA A 190 3.01 9.54 -9.67
CA ALA A 190 4.14 10.34 -10.16
C ALA A 190 5.42 9.79 -9.54
N TRP A 191 6.44 9.65 -10.36
CA TRP A 191 7.74 9.13 -9.89
C TRP A 191 8.87 9.65 -10.78
N LEU A 192 10.13 9.47 -10.36
CA LEU A 192 11.31 9.82 -11.18
C LEU A 192 11.80 8.64 -12.01
N ASP A 193 11.98 8.84 -13.31
CA ASP A 193 12.59 7.81 -14.15
C ASP A 193 14.11 7.77 -13.90
N GLU A 194 14.80 6.83 -14.55
CA GLU A 194 16.26 6.64 -14.37
C GLU A 194 17.09 7.86 -14.71
N ALA A 195 16.56 8.71 -15.59
CA ALA A 195 17.20 9.95 -15.99
C ALA A 195 16.91 11.10 -15.03
N GLY A 196 16.03 10.86 -14.05
CA GLY A 196 15.71 11.88 -13.04
C GLY A 196 14.55 12.77 -13.45
N HIS A 197 13.84 12.37 -14.49
CA HIS A 197 12.72 13.14 -14.98
C HIS A 197 11.41 12.63 -14.36
N VAL A 198 10.57 13.56 -13.93
CA VAL A 198 9.25 13.25 -13.36
C VAL A 198 8.35 12.68 -14.43
N GLN A 199 7.84 11.50 -14.13
CA GLN A 199 6.86 10.85 -14.96
C GLN A 199 5.51 10.83 -14.25
N TYR A 200 4.44 10.87 -15.05
CA TYR A 200 3.09 10.79 -14.52
C TYR A 200 2.32 9.72 -15.28
N CYS A 201 1.58 8.94 -14.52
CA CYS A 201 0.76 7.90 -15.10
C CYS A 201 -0.59 7.94 -14.40
N GLY A 202 -1.63 8.25 -15.19
CA GLY A 202 -2.96 8.47 -14.63
C GLY A 202 -4.11 7.93 -15.48
N ALA A 203 -5.31 8.14 -15.01
CA ALA A 203 -6.52 7.70 -15.70
C ALA A 203 -7.58 8.67 -15.26
N ARG A 204 -8.65 8.73 -16.03
CA ARG A 204 -9.68 9.74 -15.80
C ARG A 204 -10.35 9.54 -14.44
N ARG A 205 -10.33 10.58 -13.62
CA ARG A 205 -10.90 10.50 -12.27
C ARG A 205 -12.42 10.31 -12.34
N LEU A 206 -12.96 9.39 -11.52
CA LEU A 206 -14.39 9.12 -11.46
C LEU A 206 -15.01 9.78 -10.24
N PRO A 207 -16.32 10.13 -10.31
CA PRO A 207 -16.92 10.85 -9.19
C PRO A 207 -17.02 9.99 -7.93
N GLY A 208 -16.85 10.63 -6.79
CA GLY A 208 -17.09 9.97 -5.51
C GLY A 208 -15.78 9.65 -4.82
N HIS A 209 -15.87 9.11 -3.60
CA HIS A 209 -14.68 8.65 -2.90
C HIS A 209 -14.93 7.21 -2.45
N TYR A 210 -13.89 6.37 -2.54
CA TYR A 210 -14.04 4.90 -2.36
C TYR A 210 -13.01 4.34 -1.38
N ASN A 211 -13.46 3.57 -0.41
CA ASN A 211 -12.54 2.93 0.53
C ASN A 211 -11.77 1.80 -0.13
N GLY A 212 -10.54 1.59 0.32
CA GLY A 212 -9.76 0.45 -0.15
C GLY A 212 -9.00 0.66 -1.45
N THR A 213 -9.10 1.85 -2.06
CA THR A 213 -8.45 2.02 -3.37
C THR A 213 -6.96 1.93 -3.23
N GLY A 214 -6.40 2.61 -2.22
CA GLY A 214 -4.96 2.54 -2.02
C GLY A 214 -4.49 1.13 -1.69
N ASP A 215 -5.27 0.41 -0.89
CA ASP A 215 -4.91 -0.97 -0.53
C ASP A 215 -4.82 -1.84 -1.76
N THR A 216 -5.81 -1.74 -2.64
CA THR A 216 -5.81 -2.58 -3.85
C THR A 216 -4.73 -2.15 -4.83
N LEU A 217 -4.48 -0.84 -4.92
CA LEU A 217 -3.39 -0.36 -5.79
C LEU A 217 -2.08 -0.96 -5.32
N ALA A 218 -1.84 -0.93 -4.00
CA ALA A 218 -0.59 -1.44 -3.47
C ALA A 218 -0.46 -2.95 -3.76
N ALA A 219 -1.55 -3.70 -3.58
CA ALA A 219 -1.54 -5.14 -3.82
C ALA A 219 -1.26 -5.45 -5.31
N VAL A 220 -1.89 -4.70 -6.20
CA VAL A 220 -1.65 -4.87 -7.65
C VAL A 220 -0.21 -4.52 -8.01
N ILE A 221 0.27 -3.38 -7.51
CA ILE A 221 1.67 -2.96 -7.80
C ILE A 221 2.69 -4.02 -7.31
N ALA A 222 2.55 -4.44 -6.05
CA ALA A 222 3.37 -5.53 -5.51
C ALA A 222 3.32 -6.81 -6.37
N GLY A 223 2.10 -7.22 -6.73
CA GLY A 223 1.92 -8.42 -7.54
C GLY A 223 2.58 -8.35 -8.91
N LEU A 224 2.49 -7.20 -9.55
CA LEU A 224 3.07 -7.03 -10.89
C LEU A 224 4.59 -6.96 -10.85
N LEU A 225 5.10 -6.17 -9.90
CA LEU A 225 6.54 -6.04 -9.74
C LEU A 225 7.11 -7.40 -9.38
N GLY A 226 6.40 -8.17 -8.55
CA GLY A 226 6.84 -9.51 -8.15
C GLY A 226 6.94 -10.50 -9.30
N ARG A 227 6.24 -10.20 -10.38
CA ARG A 227 6.24 -11.04 -11.57
C ARG A 227 7.23 -10.57 -12.61
N GLY A 228 7.98 -9.51 -12.32
CA GLY A 228 9.09 -9.07 -13.15
C GLY A 228 8.73 -7.92 -14.09
N TYR A 229 7.52 -7.37 -13.98
CA TYR A 229 7.16 -6.21 -14.82
C TYR A 229 7.92 -4.97 -14.36
N PRO A 230 8.57 -4.27 -15.32
CA PRO A 230 9.20 -3.00 -15.01
C PRO A 230 8.22 -2.02 -14.36
N LEU A 231 8.75 -1.05 -13.64
CA LEU A 231 7.92 -0.10 -12.90
C LEU A 231 6.94 0.69 -13.77
N ALA A 232 7.40 1.31 -14.85
CA ALA A 232 6.46 2.10 -15.68
C ALA A 232 5.25 1.30 -16.21
N PRO A 233 5.46 0.16 -16.89
CA PRO A 233 4.27 -0.63 -17.31
C PRO A 233 3.44 -1.19 -16.14
N THR A 234 4.09 -1.40 -15.00
CA THR A 234 3.36 -1.78 -13.78
C THR A 234 2.38 -0.69 -13.36
N LEU A 235 2.86 0.55 -13.32
CA LEU A 235 2.05 1.67 -12.88
C LEU A 235 0.91 1.93 -13.87
N ALA A 236 1.21 1.72 -15.16
CA ALA A 236 0.23 1.92 -16.25
C ALA A 236 -0.94 0.95 -16.05
N ARG A 237 -0.60 -0.33 -15.89
CA ARG A 237 -1.63 -1.35 -15.67
C ARG A 237 -2.37 -1.18 -14.34
N ALA A 238 -1.66 -0.83 -13.25
CA ALA A 238 -2.30 -0.70 -11.94
C ALA A 238 -3.33 0.38 -12.00
N ASN A 239 -2.98 1.47 -12.68
CA ASN A 239 -3.91 2.58 -12.79
C ASN A 239 -5.14 2.23 -13.61
N GLN A 240 -4.95 1.50 -14.71
CA GLN A 240 -6.05 0.97 -15.52
C GLN A 240 -6.97 0.08 -14.67
N TRP A 241 -6.36 -0.83 -13.92
CA TRP A 241 -7.10 -1.73 -13.05
C TRP A 241 -7.82 -0.95 -11.95
N LEU A 242 -7.13 0.05 -11.40
CA LEU A 242 -7.70 0.88 -10.36
C LEU A 242 -8.94 1.61 -10.87
N ASN A 243 -8.85 2.12 -12.09
CA ASN A 243 -9.98 2.81 -12.72
C ASN A 243 -11.14 1.88 -12.97
N MSE A 244 -10.84 0.68 -13.47
CA MSE A 244 -11.88 -0.33 -13.73
C MSE A 244 -12.62 -0.80 -12.47
O MSE A 244 -13.85 -0.99 -12.49
CB MSE A 244 -11.25 -1.52 -14.46
CG MSE A 244 -12.18 -2.59 -14.89
SE MSE A 244 -11.08 -4.11 -15.47
CE MSE A 244 -9.94 -4.31 -13.94
N ALA A 245 -11.90 -0.98 -11.35
CA ALA A 245 -12.53 -1.39 -10.10
C ALA A 245 -13.46 -0.30 -9.53
N VAL A 246 -13.02 0.95 -9.62
CA VAL A 246 -13.85 2.08 -9.17
C VAL A 246 -15.09 2.14 -10.04
N ALA A 247 -14.92 1.98 -11.35
CA ALA A 247 -16.06 1.98 -12.26
C ALA A 247 -17.08 0.88 -11.93
N GLU A 248 -16.61 -0.32 -11.64
CA GLU A 248 -17.53 -1.40 -11.30
C GLU A 248 -18.27 -1.08 -9.99
N THR A 249 -17.55 -0.52 -9.02
CA THR A 249 -18.14 -0.11 -7.73
C THR A 249 -19.33 0.83 -7.96
N ILE A 250 -19.11 1.84 -8.77
CA ILE A 250 -20.19 2.82 -9.14
C ILE A 250 -21.37 2.09 -9.79
N ALA A 251 -21.08 1.17 -10.73
CA ALA A 251 -22.10 0.42 -11.45
C ALA A 251 -22.95 -0.48 -10.57
N GLN A 252 -22.42 -0.85 -9.39
CA GLN A 252 -23.20 -1.65 -8.45
C GLN A 252 -24.37 -0.91 -7.78
N ASN A 253 -24.38 0.42 -7.94
CA ASN A 253 -25.43 1.29 -7.37
C ASN A 253 -25.68 0.93 -5.90
N ARG A 254 -24.60 0.93 -5.12
CA ARG A 254 -24.62 0.49 -3.73
C ARG A 254 -25.45 1.43 -2.86
N THR A 255 -26.16 0.85 -1.91
CA THR A 255 -26.86 1.63 -0.90
C THR A 255 -25.93 1.89 0.30
N ASP A 256 -24.90 1.06 0.44
CA ASP A 256 -23.94 1.20 1.55
C ASP A 256 -22.59 1.74 1.01
N ASP A 257 -22.28 3.01 1.29
CA ASP A 257 -21.03 3.60 0.77
C ASP A 257 -19.72 3.20 1.49
N ARG A 258 -19.82 2.33 2.49
CA ARG A 258 -18.65 2.02 3.33
C ARG A 258 -17.79 0.90 2.76
N GLN A 259 -18.43 -0.05 2.09
CA GLN A 259 -17.77 -1.25 1.53
C GLN A 259 -16.68 -0.84 0.56
N GLY A 260 -15.53 -1.54 0.60
CA GLY A 260 -14.39 -1.23 -0.24
C GLY A 260 -14.69 -1.49 -1.73
N VAL A 261 -13.77 -1.06 -2.57
CA VAL A 261 -13.94 -1.20 -4.04
C VAL A 261 -14.25 -2.64 -4.47
N ALA A 262 -15.13 -2.78 -5.46
CA ALA A 262 -15.44 -4.08 -6.06
C ALA A 262 -14.18 -4.68 -6.70
N LEU A 263 -14.08 -6.00 -6.65
CA LEU A 263 -12.90 -6.73 -7.18
C LEU A 263 -13.18 -7.66 -8.36
N GLY A 264 -14.46 -7.86 -8.72
CA GLY A 264 -14.81 -8.87 -9.73
C GLY A 264 -14.16 -8.61 -11.08
N ASP A 265 -14.31 -7.38 -11.61
CA ASP A 265 -13.69 -7.07 -12.91
C ASP A 265 -12.16 -7.13 -12.81
N LEU A 266 -11.63 -6.72 -11.67
CA LEU A 266 -10.20 -6.79 -11.45
C LEU A 266 -9.68 -8.25 -11.48
N LEU A 267 -10.37 -9.14 -10.75
CA LEU A 267 -10.02 -10.58 -10.75
C LEU A 267 -10.11 -11.16 -12.17
N GLN A 268 -11.13 -10.76 -12.93
CA GLN A 268 -11.24 -11.18 -14.34
C GLN A 268 -10.06 -10.76 -15.18
N ALA A 269 -9.63 -9.51 -15.00
CA ALA A 269 -8.45 -8.94 -15.66
C ALA A 269 -7.18 -9.67 -15.27
N ILE A 270 -7.03 -9.99 -13.98
CA ILE A 270 -5.89 -10.79 -13.54
C ILE A 270 -5.84 -12.17 -14.23
N LEU A 271 -6.98 -12.85 -14.25
CA LEU A 271 -7.02 -14.17 -14.87
C LEU A 271 -6.68 -14.10 -16.36
N ALA A 272 -7.13 -13.04 -17.04
CA ALA A 272 -6.81 -12.86 -18.45
C ALA A 272 -5.32 -12.62 -18.64
N LEU A 273 -4.69 -11.83 -17.75
CA LEU A 273 -3.25 -11.63 -17.81
C LEU A 273 -2.48 -12.93 -17.62
N ASN A 274 -2.93 -13.76 -16.67
CA ASN A 274 -2.32 -15.06 -16.41
C ASN A 274 -2.37 -15.91 -17.68
N GLU A 275 -3.49 -15.79 -18.39
CA GLU A 275 -3.82 -16.38 -19.71
C GLU A 275 -4.65 -17.63 -19.63
PB ADP B . -6.07 5.70 -0.87
O1B ADP B . -6.71 6.95 -0.48
O2B ADP B . -4.66 5.62 -0.51
O3B ADP B . -6.95 4.62 -0.52
PA ADP B . -5.14 6.61 -3.49
O1A ADP B . -3.68 6.39 -3.51
O2A ADP B . -5.71 7.94 -3.32
O3A ADP B . -5.85 5.62 -2.43
O5' ADP B . -5.82 5.90 -4.73
C5' ADP B . -5.18 4.82 -5.27
C4' ADP B . -5.50 4.86 -6.74
O4' ADP B . -6.80 4.43 -6.97
C3' ADP B . -5.39 6.25 -7.38
O3' ADP B . -4.09 6.39 -7.77
C2' ADP B . -6.21 6.04 -8.59
O2' ADP B . -5.46 5.15 -9.38
C1' ADP B . -7.35 5.19 -8.04
N9 ADP B . -8.52 6.04 -7.68
C8 ADP B . -8.82 6.48 -6.49
N7 ADP B . -9.92 7.20 -6.48
C5 ADP B . -10.35 7.26 -7.71
C6 ADP B . -11.49 7.92 -8.40
N6 ADP B . -12.40 8.64 -7.72
N1 ADP B . -11.51 7.74 -9.71
C2 ADP B . -10.62 7.01 -10.38
N3 ADP B . -9.58 6.39 -9.85
C4 ADP B . -9.41 6.49 -8.52
MG MG C . -2.67 5.43 0.06
#